data_3UC3
#
_entry.id   3UC3
#
_cell.length_a   75.411
_cell.length_b   75.411
_cell.length_c   116.434
_cell.angle_alpha   90.000
_cell.angle_beta   90.000
_cell.angle_gamma   120.000
#
_symmetry.space_group_name_H-M   'P 31 2 1'
#
loop_
_entity.id
_entity.type
_entity.pdbx_description
1 polymer 'Serine/threonine-protein kinase SRK2I'
2 non-polymer 'COBALT (II) ION'
3 water water
#
_entity_poly.entity_id   1
_entity_poly.type   'polypeptide(L)'
_entity_poly.pdbx_seq_one_letter_code
;MDRAPVTTGPLDMPIMHDSDRYDFVKDIGSGNFGVARLMRDKLTKELVAVKYIERGAAIDENVQREIINHRSLRHPNIVR
FKEVILTPTHLAIIMEYASGGELYERICNAGRFSEDEARFFFQQLLSGVSYCHSMQICHRDLKLENTLLDGSPAPRLKIC
DFGYSKSSVLHSQPKSTVGTPAYIAPEVLLRQEYDGKIADVWSCGVTLYVMLVGAYPFEDPEEPRDYRKTIQRILSVKYS
IPDDIRISPECCHLISRIFVADPATRISIPEIKTHSWFLKNLPADLMNESNTGSQFQEPEQPMQSLDTIMQIISEATIPA
VRNRCLDDFMTDNLDLDDDMDDFDSESEIDIDSSGEIVYAL
;
_entity_poly.pdbx_strand_id   A
#
loop_
_chem_comp.id
_chem_comp.type
_chem_comp.name
_chem_comp.formula
CO non-polymer 'COBALT (II) ION' 'Co 2'
#
# COMPACT_ATOMS: atom_id res chain seq x y z
N LEU A 11 -13.42 -21.26 5.40
CA LEU A 11 -12.32 -20.25 5.45
C LEU A 11 -11.39 -20.53 6.62
N ASP A 12 -10.10 -20.21 6.46
CA ASP A 12 -9.09 -20.50 7.48
C ASP A 12 -9.17 -19.46 8.61
N MET A 13 -10.23 -19.55 9.42
CA MET A 13 -10.42 -18.65 10.54
C MET A 13 -10.93 -19.44 11.75
N PRO A 14 -10.62 -18.95 12.96
CA PRO A 14 -11.10 -19.58 14.17
C PRO A 14 -12.56 -19.23 14.44
N ILE A 15 -13.14 -19.90 15.43
CA ILE A 15 -14.48 -19.55 15.93
C ILE A 15 -14.49 -18.12 16.43
N MET A 16 -15.62 -17.44 16.28
CA MET A 16 -15.79 -16.08 16.80
C MET A 16 -15.34 -16.02 18.27
N HIS A 17 -14.72 -14.91 18.63
CA HIS A 17 -14.04 -14.78 19.91
C HIS A 17 -14.08 -13.31 20.34
N ASP A 18 -13.89 -13.06 21.63
CA ASP A 18 -13.92 -11.71 22.18
C ASP A 18 -15.18 -10.94 21.78
N SER A 19 -16.31 -11.63 21.81
CA SER A 19 -17.60 -11.03 21.47
C SER A 19 -18.09 -10.04 22.54
N ASP A 20 -17.41 -10.02 23.69
CA ASP A 20 -17.65 -9.01 24.71
C ASP A 20 -17.18 -7.61 24.26
N ARG A 21 -16.20 -7.54 23.36
CA ARG A 21 -15.66 -6.27 22.88
C ARG A 21 -15.96 -5.99 21.41
N TYR A 22 -16.25 -7.04 20.64
CA TYR A 22 -16.52 -6.93 19.23
C TYR A 22 -17.83 -7.64 18.87
N ASP A 23 -18.62 -7.03 18.00
CA ASP A 23 -19.73 -7.74 17.34
C ASP A 23 -19.23 -8.32 16.03
N PHE A 24 -19.69 -9.52 15.69
CA PHE A 24 -19.37 -10.15 14.41
C PHE A 24 -20.23 -9.47 13.36
N VAL A 25 -19.61 -9.09 12.24
CA VAL A 25 -20.34 -8.50 11.12
C VAL A 25 -20.38 -9.49 9.96
N LYS A 26 -19.21 -9.88 9.44
CA LYS A 26 -19.17 -10.71 8.22
C LYS A 26 -17.80 -11.33 8.01
N ASP A 27 -17.78 -12.53 7.46
CA ASP A 27 -16.54 -13.17 7.01
C ASP A 27 -16.35 -12.95 5.51
N ILE A 28 -15.22 -12.35 5.14
CA ILE A 28 -14.91 -11.99 3.75
C ILE A 28 -13.96 -13.03 3.18
N GLY A 29 -14.34 -13.62 2.03
CA GLY A 29 -13.50 -14.63 1.38
C GLY A 29 -12.55 -14.05 0.36
N SER A 30 -12.79 -12.81 -0.05
CA SER A 30 -11.95 -12.13 -1.03
C SER A 30 -12.23 -10.64 -0.99
N GLY A 31 -11.35 -9.88 -1.65
CA GLY A 31 -11.50 -8.44 -1.74
C GLY A 31 -10.36 -7.71 -1.05
N ASN A 32 -10.70 -6.51 -0.57
CA ASN A 32 -9.74 -5.54 -0.03
C ASN A 32 -8.62 -6.10 0.86
N PHE A 33 -9.01 -6.94 1.82
CA PHE A 33 -8.10 -7.49 2.82
C PHE A 33 -7.91 -9.00 2.64
N GLY A 34 -8.12 -9.52 1.43
CA GLY A 34 -8.08 -10.96 1.20
C GLY A 34 -9.06 -11.66 2.13
N VAL A 35 -8.70 -12.84 2.63
CA VAL A 35 -9.53 -13.56 3.61
C VAL A 35 -9.44 -12.85 4.96
N ALA A 36 -10.58 -12.37 5.44
CA ALA A 36 -10.64 -11.55 6.66
C ALA A 36 -12.01 -11.61 7.32
N ARG A 37 -12.04 -11.32 8.61
CA ARG A 37 -13.30 -11.21 9.35
C ARG A 37 -13.57 -9.75 9.68
N LEU A 38 -14.76 -9.27 9.36
CA LEU A 38 -15.17 -7.92 9.74
C LEU A 38 -15.89 -7.99 11.07
N MET A 39 -15.45 -7.16 12.01
CA MET A 39 -16.09 -7.01 13.31
C MET A 39 -16.35 -5.53 13.57
N ARG A 40 -17.22 -5.25 14.53
CA ARG A 40 -17.47 -3.90 15.00
C ARG A 40 -17.06 -3.74 16.46
N ASP A 41 -16.19 -2.78 16.72
CA ASP A 41 -15.81 -2.43 18.07
C ASP A 41 -17.06 -1.94 18.80
N LYS A 42 -17.37 -2.59 19.92
CA LYS A 42 -18.60 -2.29 20.67
C LYS A 42 -18.63 -0.88 21.27
N LEU A 43 -17.45 -0.38 21.65
CA LEU A 43 -17.34 0.93 22.29
C LEU A 43 -17.44 2.05 21.26
N THR A 44 -16.57 2.00 20.26
CA THR A 44 -16.43 3.06 19.27
C THR A 44 -17.37 2.94 18.07
N LYS A 45 -17.89 1.73 17.84
CA LYS A 45 -18.81 1.46 16.73
C LYS A 45 -18.13 1.43 15.34
N GLU A 46 -16.80 1.48 15.31
CA GLU A 46 -16.09 1.44 14.04
C GLU A 46 -15.82 0.00 13.60
N LEU A 47 -15.95 -0.24 12.29
CA LEU A 47 -15.61 -1.53 11.71
C LEU A 47 -14.11 -1.78 11.77
N VAL A 48 -13.72 -2.99 12.11
CA VAL A 48 -12.33 -3.43 12.02
C VAL A 48 -12.22 -4.69 11.16
N ALA A 49 -11.04 -4.86 10.56
CA ALA A 49 -10.74 -6.04 9.78
C ALA A 49 -9.80 -6.91 10.58
N VAL A 50 -10.07 -8.21 10.59
CA VAL A 50 -9.22 -9.16 11.32
C VAL A 50 -8.58 -10.14 10.36
N LYS A 51 -7.25 -10.22 10.40
CA LYS A 51 -6.51 -11.22 9.63
C LYS A 51 -6.03 -12.28 10.60
N TYR A 52 -6.07 -13.53 10.17
CA TYR A 52 -5.72 -14.65 11.02
C TYR A 52 -4.56 -15.45 10.43
N ILE A 53 -3.64 -15.86 11.30
CA ILE A 53 -2.55 -16.74 10.92
C ILE A 53 -2.51 -17.90 11.90
N GLU A 54 -2.44 -19.12 11.38
CA GLU A 54 -2.41 -20.30 12.23
C GLU A 54 -1.23 -20.24 13.19
N ARG A 55 -1.48 -20.60 14.45
CA ARG A 55 -0.42 -20.65 15.44
C ARG A 55 0.64 -21.68 15.07
N GLY A 56 1.88 -21.41 15.48
CA GLY A 56 3.00 -22.32 15.21
C GLY A 56 4.02 -21.75 14.25
N ALA A 57 4.46 -22.58 13.31
CA ALA A 57 5.53 -22.24 12.38
C ALA A 57 5.20 -21.02 11.49
N ALA A 58 3.93 -20.85 11.15
CA ALA A 58 3.51 -19.74 10.29
C ALA A 58 3.71 -18.38 10.95
N ILE A 59 3.81 -18.35 12.28
CA ILE A 59 4.16 -17.13 13.02
C ILE A 59 5.70 -16.99 13.00
N ASP A 60 6.25 -16.66 11.84
CA ASP A 60 7.70 -16.65 11.65
C ASP A 60 8.29 -15.27 11.90
N GLU A 61 9.61 -15.14 11.80
CA GLU A 61 10.29 -13.88 12.14
C GLU A 61 9.78 -12.72 11.29
N ASN A 62 9.56 -12.96 10.01
CA ASN A 62 9.03 -11.92 9.12
C ASN A 62 7.63 -11.45 9.52
N VAL A 63 6.78 -12.38 9.93
CA VAL A 63 5.44 -12.01 10.46
C VAL A 63 5.59 -11.16 11.73
N GLN A 64 6.45 -11.60 12.65
CA GLN A 64 6.72 -10.85 13.88
C GLN A 64 7.22 -9.43 13.54
N ARG A 65 8.23 -9.35 12.68
CA ARG A 65 8.77 -8.05 12.24
C ARG A 65 7.71 -7.15 11.62
N GLU A 66 6.86 -7.75 10.78
CA GLU A 66 5.83 -6.98 10.11
C GLU A 66 4.79 -6.41 11.08
N ILE A 67 4.36 -7.22 12.05
CA ILE A 67 3.42 -6.76 13.07
C ILE A 67 4.03 -5.62 13.89
N ILE A 68 5.27 -5.80 14.32
CA ILE A 68 5.94 -4.77 15.13
C ILE A 68 6.09 -3.47 14.31
N ASN A 69 6.52 -3.59 13.05
CA ASN A 69 6.61 -2.41 12.21
C ASN A 69 5.24 -1.79 11.91
N HIS A 70 4.23 -2.63 11.66
CA HIS A 70 2.85 -2.14 11.49
C HIS A 70 2.40 -1.32 12.70
N ARG A 71 2.68 -1.82 13.90
CA ARG A 71 2.30 -1.11 15.13
C ARG A 71 2.91 0.29 15.20
N SER A 72 4.17 0.42 14.76
CA SER A 72 4.88 1.69 14.80
C SER A 72 4.37 2.72 13.78
N LEU A 73 3.70 2.26 12.72
CA LEU A 73 3.29 3.12 11.64
C LEU A 73 1.95 3.80 11.92
N ARG A 74 2.00 5.03 12.41
CA ARG A 74 0.82 5.84 12.72
C ARG A 74 0.67 7.01 11.75
N HIS A 75 -0.19 6.86 10.75
CA HIS A 75 -0.35 7.87 9.71
C HIS A 75 -1.73 7.70 9.09
N PRO A 76 -2.39 8.82 8.72
CA PRO A 76 -3.73 8.76 8.12
C PRO A 76 -3.84 8.00 6.79
N ASN A 77 -2.72 7.78 6.10
CA ASN A 77 -2.71 7.06 4.82
C ASN A 77 -2.10 5.66 4.89
N ILE A 78 -1.97 5.13 6.10
CA ILE A 78 -1.55 3.75 6.31
C ILE A 78 -2.58 3.07 7.21
N VAL A 79 -3.04 1.89 6.82
CA VAL A 79 -4.01 1.13 7.62
C VAL A 79 -3.50 1.04 9.05
N ARG A 80 -4.33 1.48 10.00
CA ARG A 80 -3.91 1.59 11.39
C ARG A 80 -4.01 0.24 12.11
N PHE A 81 -2.91 -0.20 12.69
CA PHE A 81 -2.87 -1.38 13.53
C PHE A 81 -3.70 -1.08 14.78
N LYS A 82 -4.52 -2.05 15.20
CA LYS A 82 -5.41 -1.87 16.34
C LYS A 82 -4.88 -2.71 17.50
N GLU A 83 -4.84 -4.03 17.31
CA GLU A 83 -4.33 -4.92 18.34
C GLU A 83 -4.11 -6.32 17.81
N VAL A 84 -3.39 -7.11 18.59
CA VAL A 84 -3.25 -8.53 18.35
C VAL A 84 -3.93 -9.30 19.48
N ILE A 85 -4.59 -10.40 19.13
CA ILE A 85 -5.28 -11.24 20.11
C ILE A 85 -4.88 -12.69 19.88
N LEU A 86 -4.63 -13.41 20.97
CA LEU A 86 -4.36 -14.85 20.89
C LEU A 86 -5.66 -15.65 20.93
N THR A 87 -5.79 -16.56 19.98
CA THR A 87 -6.90 -17.51 19.87
C THR A 87 -6.29 -18.90 20.07
N PRO A 88 -7.10 -19.91 20.44
CA PRO A 88 -6.51 -21.24 20.65
C PRO A 88 -5.88 -21.86 19.40
N THR A 89 -6.29 -21.41 18.21
CA THR A 89 -5.79 -21.95 16.95
C THR A 89 -5.08 -20.92 16.06
N HIS A 90 -5.28 -19.62 16.31
CA HIS A 90 -4.76 -18.57 15.41
C HIS A 90 -4.29 -17.34 16.15
N LEU A 91 -3.36 -16.61 15.52
CA LEU A 91 -3.08 -15.23 15.90
C LEU A 91 -4.09 -14.35 15.19
N ALA A 92 -4.79 -13.51 15.93
CA ALA A 92 -5.69 -12.50 15.35
C ALA A 92 -4.99 -11.16 15.26
N ILE A 93 -4.93 -10.61 14.05
CA ILE A 93 -4.36 -9.28 13.83
C ILE A 93 -5.48 -8.34 13.44
N ILE A 94 -5.82 -7.41 14.34
CA ILE A 94 -6.94 -6.52 14.13
C ILE A 94 -6.43 -5.16 13.67
N MET A 95 -7.11 -4.59 12.68
CA MET A 95 -6.70 -3.32 12.10
C MET A 95 -7.88 -2.53 11.51
N GLU A 96 -7.65 -1.25 11.27
CA GLU A 96 -8.57 -0.37 10.58
C GLU A 96 -9.11 -1.03 9.31
N TYR A 97 -10.41 -0.95 9.11
CA TYR A 97 -11.02 -1.44 7.88
C TYR A 97 -11.14 -0.29 6.90
N ALA A 98 -10.90 -0.57 5.63
CA ALA A 98 -11.06 0.40 4.55
C ALA A 98 -12.17 -0.15 3.65
N SER A 99 -13.30 0.55 3.61
CA SER A 99 -14.51 0.00 2.98
C SER A 99 -14.70 0.40 1.51
N GLY A 100 -13.74 1.13 0.95
CA GLY A 100 -13.86 1.68 -0.42
C GLY A 100 -13.15 0.89 -1.51
N GLY A 101 -12.76 -0.34 -1.21
CA GLY A 101 -12.04 -1.17 -2.16
C GLY A 101 -10.60 -0.71 -2.32
N GLU A 102 -10.06 -0.92 -3.51
CA GLU A 102 -8.66 -0.62 -3.80
C GLU A 102 -8.58 0.33 -5.00
N LEU A 103 -7.43 0.94 -5.18
CA LEU A 103 -7.26 1.97 -6.18
C LEU A 103 -7.30 1.38 -7.58
N TYR A 104 -6.89 0.12 -7.71
CA TYR A 104 -6.97 -0.59 -8.97
C TYR A 104 -8.41 -0.56 -9.50
N GLU A 105 -9.35 -0.94 -8.65
CA GLU A 105 -10.77 -0.98 -9.01
C GLU A 105 -11.30 0.40 -9.41
N ARG A 106 -10.92 1.43 -8.67
CA ARG A 106 -11.36 2.80 -8.98
C ARG A 106 -10.86 3.28 -10.33
N ILE A 107 -9.59 3.03 -10.63
CA ILE A 107 -9.04 3.38 -11.93
C ILE A 107 -9.78 2.61 -13.03
N CYS A 108 -9.99 1.31 -12.80
CA CYS A 108 -10.66 0.43 -13.75
C CYS A 108 -12.04 0.95 -14.09
N ASN A 109 -12.84 1.23 -13.07
CA ASN A 109 -14.16 1.82 -13.26
C ASN A 109 -14.13 3.17 -14.00
N ALA A 110 -13.15 4.03 -13.66
CA ALA A 110 -13.10 5.36 -14.25
C ALA A 110 -12.46 5.39 -15.64
N GLY A 111 -11.71 4.34 -15.99
CA GLY A 111 -10.88 4.37 -17.19
C GLY A 111 -9.57 5.08 -16.89
N ARG A 112 -9.64 6.36 -16.54
CA ARG A 112 -8.48 7.13 -16.09
C ARG A 112 -8.92 8.38 -15.31
N PHE A 113 -7.99 8.94 -14.56
CA PHE A 113 -8.28 10.10 -13.72
C PHE A 113 -7.85 11.41 -14.36
N SER A 114 -8.57 12.48 -14.03
CA SER A 114 -8.15 13.84 -14.32
C SER A 114 -6.85 14.10 -13.55
N GLU A 115 -6.08 15.11 -13.96
CA GLU A 115 -4.89 15.49 -13.22
C GLU A 115 -5.19 15.87 -11.77
N ASP A 116 -6.34 16.48 -11.53
CA ASP A 116 -6.75 16.81 -10.16
C ASP A 116 -6.95 15.57 -9.29
N GLU A 117 -7.60 14.55 -9.84
CA GLU A 117 -7.87 13.34 -9.07
C GLU A 117 -6.59 12.53 -8.86
N ALA A 118 -5.74 12.48 -9.88
CA ALA A 118 -4.43 11.84 -9.76
C ALA A 118 -3.59 12.54 -8.68
N ARG A 119 -3.57 13.87 -8.70
CA ARG A 119 -2.85 14.65 -7.70
C ARG A 119 -3.40 14.41 -6.28
N PHE A 120 -4.72 14.33 -6.17
CA PHE A 120 -5.37 14.07 -4.89
C PHE A 120 -4.86 12.77 -4.26
N PHE A 121 -4.79 11.70 -5.05
CA PHE A 121 -4.31 10.42 -4.52
C PHE A 121 -2.79 10.36 -4.41
N PHE A 122 -2.10 10.97 -5.37
CA PHE A 122 -0.62 10.99 -5.36
C PHE A 122 -0.08 11.71 -4.12
N GLN A 123 -0.70 12.81 -3.74
CA GLN A 123 -0.29 13.54 -2.53
C GLN A 123 -0.38 12.64 -1.30
N GLN A 124 -1.47 11.89 -1.20
CA GLN A 124 -1.66 10.98 -0.08
C GLN A 124 -0.67 9.82 -0.10
N LEU A 125 -0.45 9.25 -1.28
CA LEU A 125 0.51 8.15 -1.40
C LEU A 125 1.89 8.61 -0.96
N LEU A 126 2.32 9.78 -1.45
CA LEU A 126 3.63 10.29 -1.10
C LEU A 126 3.71 10.61 0.38
N SER A 127 2.62 11.08 0.96
CA SER A 127 2.62 11.35 2.40
C SER A 127 2.88 10.06 3.20
N GLY A 128 2.20 8.99 2.83
CA GLY A 128 2.35 7.69 3.48
C GLY A 128 3.74 7.13 3.29
N VAL A 129 4.23 7.20 2.06
CA VAL A 129 5.53 6.65 1.72
C VAL A 129 6.65 7.42 2.41
N SER A 130 6.57 8.75 2.37
CA SER A 130 7.54 9.63 3.01
C SER A 130 7.58 9.34 4.51
N TYR A 131 6.40 9.14 5.10
CA TYR A 131 6.32 8.79 6.52
C TYR A 131 7.02 7.44 6.83
N CYS A 132 6.73 6.42 6.03
CA CYS A 132 7.42 5.12 6.20
C CYS A 132 8.94 5.29 6.11
N HIS A 133 9.39 6.06 5.12
CA HIS A 133 10.81 6.30 4.96
C HIS A 133 11.42 6.92 6.21
N SER A 134 10.72 7.89 6.83
CA SER A 134 11.18 8.52 8.06
C SER A 134 11.29 7.51 9.21
N MET A 135 10.48 6.44 9.14
CA MET A 135 10.52 5.36 10.13
C MET A 135 11.49 4.25 9.70
N GLN A 136 12.24 4.50 8.64
CA GLN A 136 13.23 3.55 8.11
C GLN A 136 12.60 2.22 7.70
N ILE A 137 11.42 2.35 7.09
CA ILE A 137 10.72 1.26 6.43
C ILE A 137 10.65 1.60 4.93
N CYS A 138 11.14 0.68 4.10
CA CYS A 138 11.19 0.94 2.66
C CYS A 138 11.25 -0.34 1.83
N HIS A 139 11.37 -0.19 0.51
CA HIS A 139 11.27 -1.30 -0.43
C HIS A 139 9.95 -2.04 -0.20
N ARG A 140 8.86 -1.31 -0.30
CA ARG A 140 7.55 -1.84 0.00
C ARG A 140 6.82 -2.24 -1.27
N ASP A 141 5.79 -3.06 -1.12
CA ASP A 141 4.96 -3.46 -2.27
C ASP A 141 3.82 -2.46 -2.39
N LEU A 142 4.03 -1.47 -3.24
CA LEU A 142 3.13 -0.35 -3.35
C LEU A 142 2.22 -0.44 -4.58
N LYS A 143 1.89 -1.66 -4.99
CA LYS A 143 1.01 -1.89 -6.11
C LYS A 143 -0.40 -1.35 -5.82
N LEU A 144 -1.15 -1.14 -6.90
CA LEU A 144 -2.50 -0.57 -6.82
C LEU A 144 -3.42 -1.35 -5.87
N GLU A 145 -3.23 -2.66 -5.83
CA GLU A 145 -4.03 -3.56 -5.01
C GLU A 145 -3.80 -3.42 -3.51
N ASN A 146 -2.64 -2.87 -3.15
CA ASN A 146 -2.28 -2.59 -1.77
C ASN A 146 -2.54 -1.13 -1.37
N THR A 147 -3.09 -0.36 -2.30
CA THR A 147 -3.49 1.02 -2.09
C THR A 147 -5.00 1.05 -1.90
N LEU A 148 -5.42 0.87 -0.66
CA LEU A 148 -6.84 0.74 -0.36
C LEU A 148 -7.46 2.13 -0.25
N LEU A 149 -8.78 2.16 -0.28
CA LEU A 149 -9.53 3.40 -0.14
C LEU A 149 -10.55 3.24 0.97
N ASP A 150 -10.75 4.30 1.75
CA ASP A 150 -11.79 4.29 2.78
C ASP A 150 -13.13 4.62 2.14
N GLY A 151 -14.18 4.77 2.94
CA GLY A 151 -15.53 4.98 2.42
C GLY A 151 -15.95 6.43 2.41
N SER A 152 -15.05 7.34 2.04
CA SER A 152 -15.36 8.77 1.95
C SER A 152 -15.64 9.14 0.50
N PRO A 153 -16.45 10.19 0.27
CA PRO A 153 -16.73 10.64 -1.10
C PRO A 153 -15.45 11.02 -1.84
N ALA A 154 -14.58 11.79 -1.18
CA ALA A 154 -13.21 11.96 -1.61
C ALA A 154 -12.39 10.94 -0.81
N PRO A 155 -12.20 9.72 -1.37
CA PRO A 155 -11.67 8.63 -0.56
C PRO A 155 -10.28 8.89 0.01
N ARG A 156 -10.10 8.55 1.27
CA ARG A 156 -8.79 8.59 1.86
C ARG A 156 -8.03 7.30 1.50
N LEU A 157 -6.81 7.48 1.03
CA LEU A 157 -5.95 6.38 0.60
C LEU A 157 -5.38 5.72 1.84
N LYS A 158 -5.33 4.38 1.83
CA LYS A 158 -4.85 3.63 3.00
C LYS A 158 -3.93 2.51 2.53
N ILE A 159 -2.63 2.71 2.66
CA ILE A 159 -1.66 1.75 2.18
C ILE A 159 -1.72 0.54 3.12
N CYS A 160 -1.74 -0.66 2.54
CA CYS A 160 -1.76 -1.87 3.34
C CYS A 160 -0.96 -2.93 2.59
N ASP A 161 0.33 -3.01 2.92
CA ASP A 161 1.29 -3.85 2.21
C ASP A 161 1.83 -4.96 3.12
N PHE A 162 1.20 -5.15 4.28
CA PHE A 162 1.79 -5.98 5.32
C PHE A 162 1.60 -7.46 4.98
N GLY A 163 2.65 -8.26 5.18
CA GLY A 163 2.61 -9.67 4.84
C GLY A 163 1.86 -10.52 5.85
N TYR A 164 0.53 -10.47 5.82
CA TYR A 164 -0.29 -11.26 6.75
C TYR A 164 -1.02 -12.44 6.10
N SER A 165 -0.70 -12.75 4.85
CA SER A 165 -1.31 -13.89 4.16
C SER A 165 -0.29 -15.02 3.96
N PRO A 181 4.45 -5.66 -12.45
CA PRO A 181 5.64 -5.86 -13.28
C PRO A 181 6.36 -4.54 -13.52
N ALA A 182 5.63 -3.55 -14.00
CA ALA A 182 6.14 -2.18 -14.13
C ALA A 182 6.62 -1.63 -12.78
N TYR A 183 6.07 -2.17 -11.68
CA TYR A 183 6.43 -1.68 -10.34
C TYR A 183 7.89 -1.85 -9.98
N ILE A 184 8.57 -2.79 -10.62
CA ILE A 184 9.96 -3.07 -10.31
C ILE A 184 10.93 -2.07 -11.00
N ALA A 185 11.68 -1.34 -10.18
CA ALA A 185 12.63 -0.37 -10.67
C ALA A 185 13.84 -1.09 -11.30
N PRO A 186 14.52 -0.44 -12.25
CA PRO A 186 15.67 -1.07 -12.95
C PRO A 186 16.75 -1.64 -12.02
N GLU A 187 17.12 -0.87 -11.00
CA GLU A 187 18.18 -1.29 -10.11
C GLU A 187 17.80 -2.54 -9.31
N VAL A 188 16.49 -2.79 -9.14
CA VAL A 188 16.03 -3.97 -8.42
C VAL A 188 16.31 -5.22 -9.27
N LEU A 189 16.28 -5.07 -10.59
CA LEU A 189 16.61 -6.16 -11.49
C LEU A 189 18.12 -6.28 -11.67
N LEU A 190 18.85 -5.16 -11.64
CA LEU A 190 20.25 -5.15 -11.99
C LEU A 190 21.20 -5.39 -10.84
N ARG A 191 20.81 -5.00 -9.62
CA ARG A 191 21.71 -5.00 -8.48
C ARG A 191 21.17 -5.93 -7.41
N GLN A 192 22.05 -6.60 -6.69
CA GLN A 192 21.61 -7.51 -5.63
C GLN A 192 21.10 -6.71 -4.44
N GLU A 193 21.82 -5.65 -4.10
CA GLU A 193 21.41 -4.73 -3.06
C GLU A 193 21.18 -3.37 -3.67
N TYR A 194 20.20 -2.64 -3.15
CA TYR A 194 19.87 -1.32 -3.67
C TYR A 194 19.22 -0.48 -2.57
N ASP A 195 19.09 0.81 -2.87
CA ASP A 195 18.45 1.76 -1.98
C ASP A 195 16.92 1.61 -2.06
N GLY A 196 16.33 1.09 -0.99
CA GLY A 196 14.90 0.81 -0.96
C GLY A 196 14.01 2.04 -1.04
N LYS A 197 14.48 3.16 -0.51
CA LYS A 197 13.72 4.41 -0.56
C LYS A 197 13.64 4.95 -1.97
N ILE A 198 14.75 4.89 -2.71
CA ILE A 198 14.77 5.37 -4.10
C ILE A 198 13.93 4.44 -5.00
N ALA A 199 13.97 3.13 -4.75
CA ALA A 199 13.13 2.20 -5.48
C ALA A 199 11.64 2.48 -5.26
N ASP A 200 11.27 2.83 -4.04
CA ASP A 200 9.88 3.20 -3.72
C ASP A 200 9.37 4.40 -4.55
N VAL A 201 10.26 5.36 -4.82
CA VAL A 201 9.90 6.52 -5.61
C VAL A 201 9.49 6.09 -7.03
N TRP A 202 10.25 5.18 -7.63
CA TRP A 202 9.87 4.60 -8.91
C TRP A 202 8.45 4.02 -8.87
N SER A 203 8.15 3.24 -7.83
CA SER A 203 6.81 2.65 -7.69
C SER A 203 5.73 3.73 -7.66
N CYS A 204 6.01 4.80 -6.93
CA CYS A 204 5.03 5.90 -6.83
C CYS A 204 4.75 6.49 -8.21
N GLY A 205 5.79 6.55 -9.05
CA GLY A 205 5.67 7.00 -10.42
C GLY A 205 4.78 6.12 -11.26
N VAL A 206 4.90 4.81 -11.09
CA VAL A 206 4.04 3.86 -11.78
C VAL A 206 2.58 4.07 -11.39
N THR A 207 2.32 4.28 -10.10
CA THR A 207 0.96 4.56 -9.68
C THR A 207 0.43 5.87 -10.28
N LEU A 208 1.24 6.92 -10.30
CA LEU A 208 0.86 8.19 -10.93
C LEU A 208 0.52 7.98 -12.41
N TYR A 209 1.42 7.28 -13.11
CA TYR A 209 1.22 7.00 -14.52
C TYR A 209 -0.07 6.26 -14.80
N VAL A 210 -0.34 5.18 -14.06
CA VAL A 210 -1.52 4.37 -14.31
C VAL A 210 -2.80 5.17 -14.03
N MET A 211 -2.78 6.02 -13.00
CA MET A 211 -3.93 6.89 -12.71
C MET A 211 -4.26 7.82 -13.86
N LEU A 212 -3.21 8.36 -14.49
CA LEU A 212 -3.36 9.33 -15.56
C LEU A 212 -3.67 8.71 -16.91
N VAL A 213 -3.17 7.49 -17.13
CA VAL A 213 -3.19 6.87 -18.45
C VAL A 213 -4.17 5.72 -18.52
N GLY A 214 -4.42 5.07 -17.39
CA GLY A 214 -5.34 3.93 -17.36
C GLY A 214 -4.70 2.63 -17.80
N ALA A 215 -3.37 2.63 -17.90
CA ALA A 215 -2.61 1.44 -18.23
C ALA A 215 -1.21 1.54 -17.64
N TYR A 216 -0.57 0.39 -17.44
CA TYR A 216 0.78 0.34 -16.88
C TYR A 216 1.81 0.92 -17.86
N PRO A 217 2.84 1.61 -17.34
CA PRO A 217 3.81 2.33 -18.18
C PRO A 217 4.75 1.43 -18.98
N PHE A 218 5.08 0.26 -18.49
CA PHE A 218 5.99 -0.56 -19.26
C PHE A 218 5.30 -1.86 -19.63
N GLU A 219 4.66 -1.84 -20.79
CA GLU A 219 3.89 -2.98 -21.31
C GLU A 219 4.21 -3.18 -22.78
N PRO A 224 2.00 -6.42 -24.57
CA PRO A 224 0.67 -6.61 -23.98
C PRO A 224 0.71 -7.40 -22.68
N ARG A 225 1.27 -8.62 -22.74
CA ARG A 225 1.45 -9.48 -21.58
C ARG A 225 2.85 -10.11 -21.53
N ASP A 226 3.73 -9.72 -22.45
CA ASP A 226 5.05 -10.31 -22.56
C ASP A 226 5.98 -9.71 -21.51
N TYR A 227 6.17 -10.44 -20.41
CA TYR A 227 7.08 -10.06 -19.32
C TYR A 227 8.44 -9.57 -19.79
N ARG A 228 9.04 -10.34 -20.70
CA ARG A 228 10.38 -10.05 -21.21
C ARG A 228 10.44 -8.69 -21.88
N LYS A 229 9.43 -8.40 -22.71
CA LYS A 229 9.32 -7.12 -23.38
C LYS A 229 9.22 -6.00 -22.35
N THR A 230 8.39 -6.20 -21.35
CA THR A 230 8.19 -5.19 -20.31
C THR A 230 9.47 -4.94 -19.51
N ILE A 231 10.14 -6.02 -19.14
CA ILE A 231 11.41 -5.90 -18.43
C ILE A 231 12.42 -5.18 -19.30
N GLN A 232 12.46 -5.50 -20.60
CA GLN A 232 13.38 -4.80 -21.50
C GLN A 232 13.04 -3.32 -21.53
N ARG A 233 11.75 -3.02 -21.55
CA ARG A 233 11.28 -1.63 -21.57
C ARG A 233 11.63 -0.93 -20.26
N ILE A 234 11.46 -1.64 -19.15
CA ILE A 234 11.84 -1.08 -17.85
C ILE A 234 13.32 -0.76 -17.83
N LEU A 235 14.16 -1.71 -18.26
CA LEU A 235 15.62 -1.54 -18.19
C LEU A 235 16.14 -0.39 -19.06
N SER A 236 15.51 -0.19 -20.23
CA SER A 236 15.89 0.92 -21.11
C SER A 236 15.00 2.15 -20.92
N VAL A 237 14.12 2.10 -19.90
CA VAL A 237 13.16 3.16 -19.56
C VAL A 237 12.42 3.71 -20.79
N LYS A 238 11.74 2.82 -21.48
CA LYS A 238 11.00 3.17 -22.67
C LYS A 238 9.51 3.10 -22.36
N TYR A 239 8.92 4.28 -22.21
CA TYR A 239 7.50 4.41 -21.99
C TYR A 239 7.05 5.57 -22.85
N SER A 240 5.76 5.66 -23.12
CA SER A 240 5.22 6.81 -23.84
C SER A 240 3.80 7.07 -23.41
N ILE A 241 3.52 8.35 -23.16
CA ILE A 241 2.18 8.78 -22.84
C ILE A 241 1.41 8.83 -24.16
N PRO A 242 0.32 8.06 -24.28
CA PRO A 242 -0.39 8.05 -25.56
C PRO A 242 -0.95 9.43 -25.93
N ASP A 243 -0.79 9.79 -27.21
CA ASP A 243 -1.36 11.03 -27.76
C ASP A 243 -2.88 11.12 -27.56
N ASP A 244 -3.53 9.96 -27.58
CA ASP A 244 -4.97 9.81 -27.29
C ASP A 244 -5.47 10.65 -26.10
N ILE A 245 -4.61 10.84 -25.10
CA ILE A 245 -4.94 11.64 -23.91
C ILE A 245 -3.98 12.83 -23.76
N ARG A 246 -4.52 13.97 -23.34
CA ARG A 246 -3.68 15.15 -23.11
C ARG A 246 -3.28 15.27 -21.65
N ILE A 247 -1.97 15.37 -21.42
CA ILE A 247 -1.39 15.56 -20.10
C ILE A 247 -0.58 16.84 -20.17
N SER A 248 -0.65 17.63 -19.10
CA SER A 248 0.12 18.88 -19.05
C SER A 248 1.62 18.61 -19.20
N PRO A 249 2.35 19.53 -19.85
CA PRO A 249 3.79 19.35 -19.96
C PRO A 249 4.48 19.24 -18.61
N GLU A 250 3.97 19.93 -17.59
CA GLU A 250 4.56 19.89 -16.26
C GLU A 250 4.44 18.48 -15.66
N CYS A 251 3.31 17.84 -15.91
CA CYS A 251 3.07 16.49 -15.46
C CYS A 251 4.00 15.52 -16.18
N CYS A 252 4.20 15.76 -17.46
CA CYS A 252 5.12 14.96 -18.25
C CYS A 252 6.53 15.09 -17.74
N HIS A 253 6.94 16.31 -17.36
CA HIS A 253 8.27 16.54 -16.82
C HIS A 253 8.46 15.78 -15.51
N LEU A 254 7.47 15.84 -14.62
CA LEU A 254 7.55 15.13 -13.35
C LEU A 254 7.74 13.62 -13.55
N ILE A 255 6.90 13.02 -14.38
CA ILE A 255 7.00 11.59 -14.66
C ILE A 255 8.40 11.26 -15.21
N SER A 256 8.91 12.10 -16.09
CA SER A 256 10.24 11.92 -16.66
C SER A 256 11.37 11.99 -15.64
N ARG A 257 11.12 12.66 -14.51
CA ARG A 257 12.08 12.77 -13.42
C ARG A 257 12.01 11.59 -12.44
N ILE A 258 10.89 10.87 -12.45
CA ILE A 258 10.72 9.66 -11.64
C ILE A 258 11.26 8.45 -12.41
N PHE A 259 10.90 8.34 -13.69
CA PHE A 259 11.36 7.24 -14.54
C PHE A 259 12.76 7.51 -15.07
N VAL A 260 13.70 7.41 -14.14
CA VAL A 260 15.11 7.61 -14.35
C VAL A 260 15.76 6.34 -13.84
N ALA A 261 16.53 5.68 -14.73
CA ALA A 261 17.15 4.43 -14.38
C ALA A 261 18.21 4.57 -13.31
N ASP A 262 18.96 5.67 -13.33
CA ASP A 262 20.01 5.87 -12.35
C ASP A 262 19.41 6.29 -11.01
N PRO A 263 19.51 5.43 -9.99
CA PRO A 263 18.95 5.84 -8.69
C PRO A 263 19.53 7.13 -8.11
N ALA A 264 20.80 7.42 -8.38
CA ALA A 264 21.44 8.65 -7.88
C ALA A 264 20.75 9.93 -8.36
N THR A 265 20.21 9.94 -9.58
CA THR A 265 19.64 11.17 -10.13
C THR A 265 18.11 11.16 -10.22
N ARG A 266 17.46 10.07 -9.85
CA ARG A 266 16.02 10.03 -9.73
C ARG A 266 15.56 11.10 -8.75
N ILE A 267 14.44 11.75 -9.08
CA ILE A 267 13.89 12.79 -8.21
C ILE A 267 13.58 12.20 -6.81
N SER A 268 13.85 12.96 -5.75
CA SER A 268 13.47 12.56 -4.39
C SER A 268 12.06 13.06 -4.03
N ILE A 269 11.50 12.55 -2.96
CA ILE A 269 10.16 12.96 -2.54
C ILE A 269 10.12 14.47 -2.21
N PRO A 270 11.11 14.99 -1.44
CA PRO A 270 11.11 16.45 -1.20
C PRO A 270 11.10 17.28 -2.50
N GLU A 271 11.82 16.80 -3.51
CA GLU A 271 11.87 17.49 -4.80
C GLU A 271 10.55 17.37 -5.55
N ILE A 272 9.91 16.21 -5.48
CA ILE A 272 8.56 16.04 -6.04
C ILE A 272 7.60 17.08 -5.42
N LYS A 273 7.70 17.26 -4.12
CA LYS A 273 6.79 18.14 -3.39
C LYS A 273 6.94 19.62 -3.71
N THR A 274 8.07 20.02 -4.31
CA THR A 274 8.24 21.40 -4.80
C THR A 274 8.14 21.52 -6.33
N HIS A 275 7.74 20.44 -7.01
CA HIS A 275 7.56 20.47 -8.45
C HIS A 275 6.27 21.23 -8.82
N SER A 276 6.30 21.96 -9.94
CA SER A 276 5.15 22.80 -10.32
C SER A 276 3.86 22.02 -10.49
N TRP A 277 3.92 20.86 -11.13
CA TRP A 277 2.74 20.01 -11.27
C TRP A 277 2.13 19.59 -9.91
N PHE A 278 2.98 19.20 -8.98
CA PHE A 278 2.50 18.73 -7.67
C PHE A 278 1.83 19.88 -6.92
N LEU A 279 2.41 21.08 -7.04
CA LEU A 279 1.94 22.25 -6.30
C LEU A 279 0.63 22.86 -6.82
N LYS A 280 0.37 22.68 -8.11
CA LYS A 280 -0.81 23.27 -8.77
C LYS A 280 -2.10 22.73 -8.18
N ASN A 281 -2.94 23.62 -7.65
CA ASN A 281 -4.23 23.24 -7.09
C ASN A 281 -4.13 22.14 -6.02
N LEU A 282 -3.03 22.12 -5.29
CA LEU A 282 -2.75 21.05 -4.33
C LEU A 282 -3.53 21.27 -3.04
N PRO A 283 -4.25 20.25 -2.57
CA PRO A 283 -4.90 20.38 -1.25
C PRO A 283 -3.90 20.59 -0.10
N ALA A 284 -4.37 21.15 1.01
CA ALA A 284 -3.51 21.37 2.17
C ALA A 284 -3.10 20.04 2.79
N ASP A 285 -1.84 19.93 3.21
CA ASP A 285 -1.30 18.71 3.82
C ASP A 285 -1.66 18.66 5.30
N GLN A 304 -2.32 -0.58 22.33
CA GLN A 304 -1.86 -1.81 22.97
C GLN A 304 -0.36 -1.73 23.21
N SER A 305 0.06 -2.12 24.40
CA SER A 305 1.46 -2.04 24.83
C SER A 305 2.36 -3.00 24.03
N LEU A 306 3.58 -2.55 23.75
CA LEU A 306 4.55 -3.34 22.99
C LEU A 306 4.89 -4.67 23.66
N ASP A 307 5.01 -4.67 25.00
CA ASP A 307 5.28 -5.92 25.73
C ASP A 307 4.10 -6.89 25.66
N THR A 308 2.89 -6.33 25.73
CA THR A 308 1.68 -7.14 25.56
C THR A 308 1.67 -7.81 24.17
N ILE A 309 1.98 -7.03 23.13
CA ILE A 309 2.01 -7.55 21.76
C ILE A 309 3.08 -8.64 21.60
N MET A 310 4.26 -8.38 22.16
CA MET A 310 5.35 -9.36 22.12
C MET A 310 4.98 -10.68 22.81
N GLN A 311 4.37 -10.59 23.99
CA GLN A 311 3.90 -11.80 24.69
C GLN A 311 2.88 -12.56 23.85
N ILE A 312 1.93 -11.84 23.26
CA ILE A 312 0.88 -12.50 22.46
C ILE A 312 1.49 -13.17 21.23
N ILE A 313 2.34 -12.43 20.50
CA ILE A 313 2.98 -12.97 19.31
C ILE A 313 3.86 -14.17 19.68
N SER A 314 4.64 -14.02 20.74
CA SER A 314 5.54 -15.08 21.20
C SER A 314 4.74 -16.35 21.52
N GLU A 315 3.67 -16.19 22.28
CA GLU A 315 2.84 -17.33 22.64
C GLU A 315 2.16 -17.96 21.42
N ALA A 316 1.85 -17.13 20.41
CA ALA A 316 1.25 -17.62 19.17
C ALA A 316 2.17 -18.58 18.39
N THR A 317 3.48 -18.50 18.63
CA THR A 317 4.43 -19.41 17.97
C THR A 317 4.29 -20.86 18.48
N ILE A 318 3.66 -21.02 19.65
CA ILE A 318 3.39 -22.33 20.22
C ILE A 318 2.02 -22.78 19.71
N PRO A 319 1.97 -23.86 18.89
CA PRO A 319 0.73 -24.28 18.22
C PRO A 319 -0.23 -25.09 19.08
CO CO B . 5.15 1.83 4.15
CO CO C . -2.94 -5.31 4.16
CO CO D . 14.34 1.43 4.78
#